data_5Z9L
#
_entry.id   5Z9L
#
_cell.length_a   61.070
_cell.length_b   69.065
_cell.length_c   102.121
_cell.angle_alpha   90.00
_cell.angle_beta   90.00
_cell.angle_gamma   90.00
#
_symmetry.space_group_name_H-M   'P 21 21 21'
#
loop_
_entity.id
_entity.type
_entity.pdbx_description
1 polymer 'DNA gyrase subunit B'
2 non-polymer 'PHOSPHATE ION'
3 non-polymer 2-fluoro-4-hydroxybenzonitrile
4 non-polymer 1H-benzimidazol-2-amine
5 water water
#
_entity_poly.entity_id   1
_entity_poly.type   'polypeptide(L)'
_entity_poly.pdbx_seq_one_letter_code
;GLDAVRKRPGMYIGDTDDGTGLHHMVFEVVDNAIDEALAGHCKEIIVTIHADNSVSVQDDGRGIPTGIHPEEGVSAAEVI
MTVLHAGGKFDDNSYKVSGGLHGVGVSVVNALSQKLELVIQREGKIHRQIYEHGVPQAPLAVTGETEKTGTMVRFWPSLE
TFTNVTEFEYEILAKRLRELSFLNSGVSIRLRDKRDGKEDHFHYEGG
;
_entity_poly.pdbx_strand_id   A,B
#
# COMPACT_ATOMS: atom_id res chain seq x y z
N LEU A 2 -7.43 1.18 -4.84
CA LEU A 2 -7.06 -0.25 -4.54
C LEU A 2 -7.12 -0.73 -3.08
N ASP A 3 -7.36 0.14 -2.12
CA ASP A 3 -7.34 -0.28 -0.72
C ASP A 3 -8.33 -1.38 -0.35
N ALA A 4 -9.46 -1.46 -1.05
CA ALA A 4 -10.44 -2.54 -0.82
C ALA A 4 -9.83 -3.93 -1.09
N VAL A 5 -9.00 -4.01 -2.12
CA VAL A 5 -8.33 -5.26 -2.51
C VAL A 5 -7.24 -5.57 -1.51
N ARG A 6 -6.45 -4.58 -1.13
CA ARG A 6 -5.39 -4.79 -0.18
C ARG A 6 -5.94 -5.25 1.18
N LYS A 7 -7.11 -4.75 1.54
CA LYS A 7 -7.77 -5.14 2.78
C LYS A 7 -8.19 -6.61 2.83
N ARG A 8 -8.69 -7.14 1.72
CA ARG A 8 -9.18 -8.52 1.67
C ARG A 8 -8.71 -9.21 0.38
N PRO A 9 -7.40 -9.49 0.25
CA PRO A 9 -6.90 -9.97 -1.05
C PRO A 9 -7.59 -11.24 -1.57
N GLY A 10 -7.75 -12.23 -0.67
CA GLY A 10 -8.38 -13.51 -1.01
C GLY A 10 -9.78 -13.39 -1.62
N MET A 11 -10.54 -12.38 -1.19
CA MET A 11 -11.87 -12.11 -1.76
C MET A 11 -11.86 -11.69 -3.22
N TYR A 12 -10.75 -11.14 -3.69
CA TYR A 12 -10.62 -10.72 -5.09
C TYR A 12 -9.85 -11.71 -5.95
N ILE A 13 -8.79 -12.32 -5.42
CA ILE A 13 -7.89 -13.16 -6.22
C ILE A 13 -7.99 -14.64 -5.94
N GLY A 14 -8.58 -15.01 -4.82
CA GLY A 14 -8.64 -16.40 -4.37
C GLY A 14 -7.64 -16.68 -3.27
N ASP A 15 -7.67 -17.91 -2.79
CA ASP A 15 -6.89 -18.31 -1.62
C ASP A 15 -5.41 -17.98 -1.78
N THR A 16 -4.88 -17.22 -0.82
CA THR A 16 -3.52 -16.70 -0.89
C THR A 16 -2.48 -17.58 -0.18
N ASP A 17 -2.91 -18.74 0.35
CA ASP A 17 -2.02 -19.69 1.03
C ASP A 17 -1.82 -21.02 0.29
N ASP A 18 -2.76 -21.43 -0.57
CA ASP A 18 -2.66 -22.74 -1.23
C ASP A 18 -2.21 -22.73 -2.71
N GLY A 19 -1.73 -21.58 -3.18
CA GLY A 19 -1.35 -21.40 -4.59
C GLY A 19 -2.45 -20.99 -5.56
N THR A 20 -3.71 -21.08 -5.15
CA THR A 20 -4.85 -20.81 -6.04
C THR A 20 -4.79 -19.37 -6.51
N GLY A 21 -4.77 -18.45 -5.56
CA GLY A 21 -4.70 -17.03 -5.87
C GLY A 21 -3.45 -16.65 -6.63
N LEU A 22 -2.31 -17.25 -6.26
CA LEU A 22 -1.04 -16.98 -6.94
C LEU A 22 -1.14 -17.21 -8.46
N HIS A 23 -1.71 -18.34 -8.84
CA HIS A 23 -1.87 -18.65 -10.26
C HIS A 23 -2.97 -17.85 -10.93
N HIS A 24 -4.03 -17.54 -10.20
CA HIS A 24 -5.06 -16.65 -10.71
C HIS A 24 -4.50 -15.30 -11.16
N MET A 25 -3.45 -14.83 -10.49
CA MET A 25 -2.76 -13.58 -10.90
C MET A 25 -2.34 -13.62 -12.37
N VAL A 26 -1.69 -14.71 -12.75
CA VAL A 26 -1.29 -14.94 -14.12
C VAL A 26 -2.53 -14.93 -15.04
N PHE A 27 -3.57 -15.64 -14.64
CA PHE A 27 -4.72 -15.83 -15.54
C PHE A 27 -5.45 -14.51 -15.80
N GLU A 28 -5.49 -13.61 -14.82
CA GLU A 28 -6.12 -12.30 -15.02
C GLU A 28 -5.37 -11.49 -16.08
N VAL A 29 -4.03 -11.54 -16.03
CA VAL A 29 -3.21 -10.83 -16.98
C VAL A 29 -3.36 -11.45 -18.37
N VAL A 30 -3.37 -12.78 -18.43
CA VAL A 30 -3.53 -13.50 -19.70
C VAL A 30 -4.84 -13.14 -20.37
N ASP A 31 -5.91 -12.95 -19.60
CA ASP A 31 -7.22 -12.58 -20.21
C ASP A 31 -7.12 -11.30 -21.01
N ASN A 32 -6.50 -10.29 -20.40
CA ASN A 32 -6.29 -9.03 -21.09
C ASN A 32 -5.38 -9.17 -22.31
N ALA A 33 -4.31 -9.97 -22.18
CA ALA A 33 -3.38 -10.18 -23.30
C ALA A 33 -4.06 -10.85 -24.49
N ILE A 34 -4.92 -11.83 -24.21
CA ILE A 34 -5.68 -12.48 -25.29
C ILE A 34 -6.59 -11.48 -25.99
N ASP A 35 -7.31 -10.67 -25.21
CA ASP A 35 -8.17 -9.63 -25.79
C ASP A 35 -7.36 -8.74 -26.73
N GLU A 36 -6.18 -8.33 -26.27
CA GLU A 36 -5.31 -7.48 -27.09
C GLU A 36 -4.84 -8.19 -28.36
N ALA A 37 -4.39 -9.43 -28.19
CA ALA A 37 -3.87 -10.22 -29.31
C ALA A 37 -4.95 -10.43 -30.36
N LEU A 38 -6.21 -10.63 -29.94
CA LEU A 38 -7.34 -10.83 -30.88
C LEU A 38 -7.62 -9.64 -31.78
N ALA A 39 -7.32 -8.43 -31.31
CA ALA A 39 -7.50 -7.21 -32.09
C ALA A 39 -6.35 -6.92 -33.06
N GLY A 40 -5.30 -7.72 -33.03
CA GLY A 40 -4.14 -7.56 -33.93
C GLY A 40 -4.11 -8.56 -35.08
N HIS A 41 -3.03 -8.50 -35.84
CA HIS A 41 -2.84 -9.31 -37.05
C HIS A 41 -2.13 -10.64 -36.80
N CYS A 42 -1.08 -10.61 -35.97
CA CYS A 42 -0.24 -11.80 -35.72
C CYS A 42 -0.79 -12.75 -34.65
N LYS A 43 -1.44 -12.19 -33.63
CA LYS A 43 -2.23 -12.94 -32.65
C LYS A 43 -1.41 -13.97 -31.83
N GLU A 44 -0.36 -13.50 -31.16
CA GLU A 44 0.45 -14.35 -30.30
C GLU A 44 0.64 -13.71 -28.94
N ILE A 45 0.50 -14.52 -27.89
CA ILE A 45 0.93 -14.11 -26.56
C ILE A 45 2.06 -15.03 -26.10
N ILE A 46 2.90 -14.48 -25.23
CA ILE A 46 4.01 -15.23 -24.62
C ILE A 46 3.93 -15.05 -23.10
N VAL A 47 3.83 -16.18 -22.41
CA VAL A 47 3.87 -16.21 -20.95
C VAL A 47 5.20 -16.81 -20.52
N THR A 48 5.94 -16.02 -19.73
CA THR A 48 7.26 -16.44 -19.26
C THR A 48 7.32 -16.47 -17.73
N ILE A 49 7.77 -17.61 -17.18
CA ILE A 49 8.09 -17.75 -15.77
C ILE A 49 9.59 -17.50 -15.60
N HIS A 50 9.91 -16.41 -14.92
CA HIS A 50 11.29 -16.00 -14.75
C HIS A 50 11.87 -16.71 -13.54
N ALA A 51 13.20 -16.69 -13.48
CA ALA A 51 13.97 -17.37 -12.43
C ALA A 51 13.79 -16.75 -11.05
N ASP A 52 13.45 -15.46 -11.00
CA ASP A 52 13.08 -14.76 -9.74
C ASP A 52 11.60 -14.94 -9.31
N ASN A 53 10.94 -15.93 -9.91
CA ASN A 53 9.50 -16.22 -9.76
C ASN A 53 8.54 -15.04 -9.97
N SER A 54 8.94 -14.14 -10.87
CA SER A 54 8.01 -13.22 -11.52
C SER A 54 7.51 -13.90 -12.79
N VAL A 55 6.43 -13.36 -13.33
CA VAL A 55 5.87 -13.82 -14.58
C VAL A 55 5.69 -12.62 -15.48
N SER A 56 5.99 -12.78 -16.77
CA SER A 56 5.62 -11.80 -17.77
C SER A 56 4.65 -12.35 -18.79
N VAL A 57 3.79 -11.46 -19.26
CA VAL A 57 2.84 -11.75 -20.31
C VAL A 57 2.98 -10.64 -21.34
N GLN A 58 3.17 -11.04 -22.58
CA GLN A 58 3.37 -10.14 -23.71
C GLN A 58 2.36 -10.49 -24.80
N ASP A 59 1.92 -9.48 -25.53
CA ASP A 59 1.18 -9.68 -26.76
C ASP A 59 1.74 -8.79 -27.84
N ASP A 60 1.40 -9.14 -29.08
CA ASP A 60 1.83 -8.40 -30.28
C ASP A 60 0.67 -7.62 -30.93
N GLY A 61 -0.28 -7.20 -30.11
CA GLY A 61 -1.44 -6.42 -30.53
C GLY A 61 -1.10 -4.95 -30.71
N ARG A 62 -2.11 -4.10 -30.55
CA ARG A 62 -1.98 -2.67 -30.91
C ARG A 62 -1.32 -1.83 -29.84
N GLY A 63 -1.14 -2.39 -28.65
CA GLY A 63 -0.70 -1.64 -27.48
C GLY A 63 -1.90 -1.05 -26.79
N ILE A 64 -1.98 -1.19 -25.47
CA ILE A 64 -3.08 -0.55 -24.72
C ILE A 64 -3.00 0.98 -24.82
N PRO A 65 -4.15 1.68 -24.74
CA PRO A 65 -4.10 3.14 -24.92
C PRO A 65 -3.30 3.88 -23.86
N THR A 66 -2.61 4.92 -24.32
CA THR A 66 -1.65 5.67 -23.49
C THR A 66 -2.11 7.10 -23.18
N GLY A 67 -3.00 7.65 -23.99
CA GLY A 67 -3.50 9.00 -23.81
C GLY A 67 -4.09 9.28 -22.46
N ILE A 68 -4.06 10.55 -22.06
CA ILE A 68 -4.56 10.95 -20.77
C ILE A 68 -6.07 10.75 -20.79
N HIS A 69 -6.56 9.99 -19.80
CA HIS A 69 -7.98 9.75 -19.65
C HIS A 69 -8.58 11.10 -19.23
N PRO A 70 -9.42 11.70 -20.11
CA PRO A 70 -9.89 13.06 -19.85
C PRO A 70 -10.62 13.28 -18.52
N GLU A 71 -11.25 12.24 -17.99
CA GLU A 71 -11.93 12.28 -16.68
C GLU A 71 -11.00 12.09 -15.46
N GLU A 72 -10.07 11.15 -15.53
CA GLU A 72 -9.21 10.77 -14.39
C GLU A 72 -7.90 11.58 -14.33
N GLY A 73 -7.48 12.11 -15.48
CA GLY A 73 -6.30 12.97 -15.53
C GLY A 73 -4.95 12.27 -15.44
N VAL A 74 -4.94 10.95 -15.62
CA VAL A 74 -3.72 10.18 -15.79
C VAL A 74 -3.90 9.36 -17.06
N SER A 75 -2.82 8.75 -17.51
N SER A 75 -2.80 8.74 -17.50
CA SER A 75 -2.84 7.89 -18.68
CA SER A 75 -2.83 7.88 -18.68
C SER A 75 -3.90 6.80 -18.56
C SER A 75 -3.89 6.79 -18.55
N ALA A 76 -4.52 6.45 -19.67
CA ALA A 76 -5.52 5.38 -19.69
C ALA A 76 -4.97 4.05 -19.15
N ALA A 77 -3.70 3.77 -19.44
CA ALA A 77 -3.00 2.60 -18.92
C ALA A 77 -2.95 2.61 -17.39
N GLU A 78 -2.65 3.76 -16.78
CA GLU A 78 -2.68 3.87 -15.33
C GLU A 78 -4.10 3.71 -14.75
N VAL A 79 -5.11 4.21 -15.45
CA VAL A 79 -6.51 3.98 -15.02
C VAL A 79 -6.80 2.47 -14.95
N ILE A 80 -6.45 1.74 -16.01
CA ILE A 80 -6.60 0.29 -16.02
C ILE A 80 -5.88 -0.37 -14.84
N MET A 81 -4.69 0.15 -14.51
CA MET A 81 -3.85 -0.45 -13.46
C MET A 81 -4.23 -0.12 -12.03
N THR A 82 -4.99 0.96 -11.84
CA THR A 82 -5.20 1.50 -10.48
C THR A 82 -6.66 1.72 -10.08
N VAL A 83 -7.60 1.38 -10.96
CA VAL A 83 -9.04 1.55 -10.69
C VAL A 83 -9.70 0.18 -10.78
N LEU A 84 -10.57 -0.10 -9.80
CA LEU A 84 -11.32 -1.36 -9.75
C LEU A 84 -12.48 -1.38 -10.75
C GLY A 103 -12.90 -10.14 -13.13
N VAL A 104 -11.84 -10.13 -12.32
CA VAL A 104 -11.62 -9.03 -11.36
C VAL A 104 -10.79 -7.87 -11.90
N GLY A 105 -9.97 -8.13 -12.92
CA GLY A 105 -9.21 -7.07 -13.59
C GLY A 105 -7.76 -7.04 -13.15
N VAL A 106 -6.92 -6.48 -14.02
CA VAL A 106 -5.49 -6.39 -13.78
C VAL A 106 -5.12 -5.46 -12.61
N SER A 107 -6.00 -4.53 -12.27
CA SER A 107 -5.76 -3.67 -11.11
C SER A 107 -5.59 -4.48 -9.82
N VAL A 108 -6.31 -5.61 -9.70
CA VAL A 108 -6.13 -6.51 -8.55
C VAL A 108 -4.72 -7.10 -8.55
N VAL A 109 -4.27 -7.55 -9.71
CA VAL A 109 -2.93 -8.13 -9.86
C VAL A 109 -1.90 -7.08 -9.41
N ASN A 110 -2.08 -5.87 -9.90
CA ASN A 110 -1.18 -4.78 -9.55
C ASN A 110 -1.13 -4.52 -8.05
N ALA A 111 -2.29 -4.38 -7.43
CA ALA A 111 -2.39 -4.14 -5.98
C ALA A 111 -1.63 -5.19 -5.16
N LEU A 112 -1.64 -6.44 -5.63
CA LEU A 112 -1.05 -7.58 -4.93
C LEU A 112 0.33 -8.02 -5.44
N SER A 113 0.97 -7.14 -6.21
CA SER A 113 2.31 -7.36 -6.73
C SER A 113 3.24 -6.39 -6.04
N GLN A 114 4.32 -6.90 -5.51
CA GLN A 114 5.30 -6.02 -4.88
C GLN A 114 6.01 -5.13 -5.91
N LYS A 115 6.09 -5.61 -7.14
CA LYS A 115 6.53 -4.82 -8.28
C LYS A 115 5.74 -5.24 -9.52
N LEU A 116 5.45 -4.27 -10.40
CA LEU A 116 4.84 -4.55 -11.69
C LEU A 116 5.46 -3.60 -12.71
N GLU A 117 5.92 -4.15 -13.83
CA GLU A 117 6.53 -3.37 -14.90
C GLU A 117 5.61 -3.43 -16.11
N LEU A 118 5.29 -2.26 -16.68
CA LEU A 118 4.42 -2.18 -17.84
C LEU A 118 5.20 -1.59 -18.98
N VAL A 119 5.12 -2.21 -20.16
CA VAL A 119 5.74 -1.68 -21.37
C VAL A 119 4.73 -1.70 -22.50
N ILE A 120 4.53 -0.56 -23.13
CA ILE A 120 3.56 -0.45 -24.23
C ILE A 120 4.26 0.09 -25.45
N GLN A 121 4.09 -0.61 -26.56
CA GLN A 121 4.63 -0.19 -27.85
C GLN A 121 3.45 0.20 -28.72
N ARG A 122 3.38 1.47 -29.09
CA ARG A 122 2.19 2.02 -29.76
C ARG A 122 2.53 3.35 -30.43
N GLU A 123 1.94 3.58 -31.60
CA GLU A 123 2.08 4.85 -32.33
C GLU A 123 3.54 5.31 -32.46
N GLY A 124 4.42 4.34 -32.74
CA GLY A 124 5.84 4.61 -32.97
C GLY A 124 6.70 4.75 -31.74
N LYS A 125 6.13 4.55 -30.55
CA LYS A 125 6.80 4.89 -29.29
C LYS A 125 6.76 3.75 -28.28
N ILE A 126 7.85 3.63 -27.52
CA ILE A 126 7.89 2.74 -26.35
C ILE A 126 7.53 3.56 -25.12
N HIS A 127 6.63 3.02 -24.30
CA HIS A 127 6.20 3.64 -23.06
C HIS A 127 6.48 2.66 -21.94
N ARG A 128 6.96 3.17 -20.80
CA ARG A 128 7.24 2.31 -19.65
C ARG A 128 6.71 2.93 -18.38
N GLN A 129 6.34 2.06 -17.44
CA GLN A 129 5.90 2.48 -16.12
C GLN A 129 6.14 1.35 -15.12
N ILE A 130 6.52 1.75 -13.91
CA ILE A 130 6.75 0.83 -12.79
C ILE A 130 5.77 1.14 -11.69
N TYR A 131 5.24 0.07 -11.09
CA TYR A 131 4.40 0.13 -9.90
C TYR A 131 5.02 -0.72 -8.80
N GLU A 132 4.76 -0.32 -7.56
CA GLU A 132 5.08 -1.13 -6.39
C GLU A 132 3.86 -1.19 -5.50
N HIS A 133 3.37 -2.39 -5.23
CA HIS A 133 2.14 -2.59 -4.47
C HIS A 133 0.99 -1.71 -4.99
N GLY A 134 0.91 -1.60 -6.31
CA GLY A 134 -0.17 -0.87 -6.97
C GLY A 134 0.01 0.63 -7.09
N VAL A 135 1.10 1.15 -6.55
CA VAL A 135 1.37 2.58 -6.54
C VAL A 135 2.32 2.90 -7.70
N PRO A 136 1.90 3.78 -8.62
CA PRO A 136 2.84 4.16 -9.70
C PRO A 136 4.03 4.94 -9.17
N GLN A 137 5.23 4.62 -9.65
CA GLN A 137 6.45 5.28 -9.19
C GLN A 137 6.71 6.58 -9.96
N ALA A 138 6.14 6.67 -11.16
CA ALA A 138 6.14 7.87 -12.00
C ALA A 138 5.05 7.68 -13.05
N PRO A 139 4.68 8.76 -13.75
CA PRO A 139 3.68 8.61 -14.81
C PRO A 139 4.20 7.78 -15.96
N LEU A 140 3.29 7.15 -16.70
CA LEU A 140 3.65 6.45 -17.93
C LEU A 140 4.46 7.40 -18.80
N ALA A 141 5.63 6.95 -19.25
CA ALA A 141 6.58 7.82 -19.91
C ALA A 141 7.09 7.20 -21.20
N VAL A 142 7.27 8.06 -22.22
CA VAL A 142 7.88 7.65 -23.48
C VAL A 142 9.39 7.48 -23.25
N THR A 143 9.93 6.34 -23.64
CA THR A 143 11.36 6.02 -23.43
C THR A 143 12.14 5.78 -24.72
N GLY A 144 11.48 5.77 -25.87
CA GLY A 144 12.15 5.47 -27.12
C GLY A 144 11.18 5.31 -28.26
N GLU A 145 11.74 5.02 -29.42
CA GLU A 145 10.94 4.80 -30.61
C GLU A 145 10.98 3.34 -31.01
N THR A 146 9.95 2.92 -31.73
CA THR A 146 9.82 1.55 -32.17
C THR A 146 8.88 1.47 -33.38
N GLU A 147 9.09 0.42 -34.17
CA GLU A 147 8.18 0.06 -35.25
C GLU A 147 7.12 -0.95 -34.80
N LYS A 148 7.39 -1.65 -33.71
CA LYS A 148 6.51 -2.70 -33.22
C LYS A 148 5.35 -2.14 -32.40
N THR A 149 4.37 -3.01 -32.18
CA THR A 149 3.22 -2.71 -31.34
C THR A 149 2.98 -3.88 -30.40
N GLY A 150 2.44 -3.57 -29.23
CA GLY A 150 2.04 -4.60 -28.28
C GLY A 150 2.18 -4.11 -26.86
N THR A 151 1.89 -5.02 -25.93
CA THR A 151 1.91 -4.71 -24.50
C THR A 151 2.65 -5.83 -23.80
N MET A 152 3.33 -5.49 -22.70
CA MET A 152 3.99 -6.47 -21.84
C MET A 152 3.80 -6.02 -20.41
N VAL A 153 3.36 -6.94 -19.56
CA VAL A 153 3.37 -6.77 -18.11
C VAL A 153 4.21 -7.88 -17.49
N ARG A 154 5.10 -7.49 -16.58
CA ARG A 154 5.84 -8.42 -15.74
C ARG A 154 5.51 -8.08 -14.31
N PHE A 155 5.13 -9.06 -13.48
CA PHE A 155 4.77 -8.78 -12.12
C PHE A 155 5.45 -9.76 -11.16
N TRP A 156 5.78 -9.25 -9.98
CA TRP A 156 6.40 -9.98 -8.90
C TRP A 156 5.34 -10.06 -7.79
N PRO A 157 4.71 -11.22 -7.59
CA PRO A 157 3.67 -11.27 -6.57
C PRO A 157 4.19 -10.87 -5.20
N SER A 158 3.37 -10.18 -4.42
CA SER A 158 3.81 -9.73 -3.10
C SER A 158 3.92 -10.90 -2.15
N LEU A 159 5.11 -11.10 -1.58
CA LEU A 159 5.27 -12.15 -0.57
C LEU A 159 4.74 -11.76 0.81
N GLU A 160 4.27 -10.53 0.96
CA GLU A 160 3.47 -10.13 2.11
C GLU A 160 2.04 -10.67 2.03
N THR A 161 1.56 -10.97 0.82
CA THR A 161 0.21 -11.51 0.59
C THR A 161 0.21 -13.01 0.38
N PHE A 162 1.04 -13.49 -0.54
CA PHE A 162 1.05 -14.88 -0.94
C PHE A 162 2.01 -15.69 -0.10
N THR A 163 1.45 -16.65 0.64
CA THR A 163 2.22 -17.45 1.60
C THR A 163 2.15 -18.92 1.26
N ASN A 164 3.07 -19.68 1.86
CA ASN A 164 3.24 -21.12 1.64
C ASN A 164 3.63 -21.48 0.19
N VAL A 165 2.67 -21.47 -0.73
CA VAL A 165 2.95 -21.68 -2.15
C VAL A 165 3.29 -20.30 -2.74
N THR A 166 4.57 -20.07 -2.97
CA THR A 166 5.05 -18.78 -3.45
C THR A 166 5.73 -18.87 -4.82
N GLU A 167 5.82 -20.08 -5.38
CA GLU A 167 6.51 -20.31 -6.64
C GLU A 167 5.49 -20.83 -7.62
N PHE A 168 5.66 -20.45 -8.89
CA PHE A 168 4.75 -20.87 -9.93
C PHE A 168 5.04 -22.31 -10.33
N GLU A 169 3.96 -23.00 -10.64
CA GLU A 169 3.93 -24.40 -11.00
C GLU A 169 3.58 -24.39 -12.48
N TYR A 170 4.56 -24.78 -13.30
CA TYR A 170 4.42 -24.83 -14.74
C TYR A 170 3.13 -25.50 -15.22
N GLU A 171 2.83 -26.66 -14.64
CA GLU A 171 1.70 -27.50 -15.07
C GLU A 171 0.34 -26.83 -14.87
N ILE A 172 0.22 -26.02 -13.81
CA ILE A 172 -1.02 -25.30 -13.51
C ILE A 172 -1.26 -24.25 -14.60
N LEU A 173 -0.21 -23.53 -14.96
CA LEU A 173 -0.28 -22.55 -16.03
C LEU A 173 -0.55 -23.23 -17.37
N ALA A 174 0.16 -24.31 -17.65
CA ALA A 174 0.05 -25.02 -18.92
C ALA A 174 -1.36 -25.56 -19.16
N LYS A 175 -1.96 -26.13 -18.12
CA LYS A 175 -3.30 -26.71 -18.21
C LYS A 175 -4.31 -25.66 -18.67
N ARG A 176 -4.30 -24.51 -18.00
CA ARG A 176 -5.22 -23.41 -18.30
C ARG A 176 -4.97 -22.76 -19.66
N LEU A 177 -3.71 -22.53 -19.99
CA LEU A 177 -3.39 -21.94 -21.29
C LEU A 177 -3.81 -22.85 -22.44
N ARG A 178 -3.70 -24.16 -22.22
CA ARG A 178 -4.19 -25.11 -23.20
C ARG A 178 -5.68 -24.96 -23.41
N GLU A 179 -6.46 -24.90 -22.32
CA GLU A 179 -7.92 -24.69 -22.46
C GLU A 179 -8.19 -23.41 -23.26
N LEU A 180 -7.45 -22.33 -22.96
CA LEU A 180 -7.64 -21.05 -23.61
C LEU A 180 -7.31 -21.07 -25.11
N SER A 181 -6.32 -21.86 -25.48
CA SER A 181 -5.92 -21.98 -26.88
C SER A 181 -7.02 -22.62 -27.72
N PHE A 182 -7.75 -23.57 -27.17
CA PHE A 182 -8.87 -24.16 -27.92
C PHE A 182 -10.05 -23.21 -28.07
N LEU A 183 -10.35 -22.48 -26.99
CA LEU A 183 -11.43 -21.51 -27.04
C LEU A 183 -11.11 -20.36 -27.97
N ASN A 184 -9.88 -19.84 -27.85
CA ASN A 184 -9.39 -18.74 -28.68
C ASN A 184 -8.52 -19.32 -29.78
N SER A 185 -9.15 -20.02 -30.70
CA SER A 185 -8.45 -20.89 -31.65
C SER A 185 -7.58 -20.16 -32.68
N GLY A 186 -7.81 -18.87 -32.87
CA GLY A 186 -6.89 -18.05 -33.70
C GLY A 186 -5.61 -17.52 -33.03
N VAL A 187 -5.47 -17.74 -31.72
CA VAL A 187 -4.39 -17.14 -30.94
C VAL A 187 -3.32 -18.16 -30.62
N SER A 188 -2.07 -17.80 -30.85
CA SER A 188 -0.92 -18.60 -30.51
C SER A 188 -0.52 -18.25 -29.08
N ILE A 189 -0.31 -19.26 -28.24
CA ILE A 189 0.10 -19.06 -26.85
C ILE A 189 1.40 -19.83 -26.60
N ARG A 190 2.47 -19.09 -26.29
CA ARG A 190 3.72 -19.70 -25.86
C ARG A 190 3.90 -19.59 -24.35
N LEU A 191 4.37 -20.68 -23.74
CA LEU A 191 4.71 -20.73 -22.34
C LEU A 191 6.17 -21.12 -22.21
N ARG A 192 6.94 -20.35 -21.46
CA ARG A 192 8.36 -20.57 -21.28
C ARG A 192 8.71 -20.51 -19.81
N ASP A 193 9.49 -21.49 -19.36
CA ASP A 193 10.01 -21.54 -18.00
C ASP A 193 11.53 -21.37 -18.03
N LYS A 194 11.99 -20.19 -17.62
CA LYS A 194 13.41 -19.88 -17.56
C LYS A 194 14.13 -20.51 -16.39
N ARG A 195 13.41 -21.13 -15.46
CA ARG A 195 14.02 -21.85 -14.34
C ARG A 195 14.64 -23.18 -14.79
N ASP A 196 13.98 -23.87 -15.73
CA ASP A 196 14.50 -25.15 -16.25
C ASP A 196 14.45 -25.33 -17.79
N GLY A 197 14.16 -24.27 -18.54
CA GLY A 197 14.08 -24.34 -19.99
C GLY A 197 12.86 -25.04 -20.60
N LYS A 198 11.88 -25.40 -19.78
CA LYS A 198 10.66 -26.04 -20.25
C LYS A 198 9.84 -25.05 -21.10
N GLU A 199 9.24 -25.53 -22.18
CA GLU A 199 8.48 -24.69 -23.08
C GLU A 199 7.35 -25.44 -23.77
N ASP A 200 6.24 -24.74 -24.00
CA ASP A 200 5.10 -25.28 -24.76
C ASP A 200 4.60 -24.23 -25.73
N HIS A 201 3.98 -24.71 -26.81
CA HIS A 201 3.35 -23.86 -27.78
C HIS A 201 1.93 -24.35 -28.08
N PHE A 202 0.95 -23.65 -27.53
CA PHE A 202 -0.45 -23.98 -27.74
C PHE A 202 -1.02 -23.17 -28.88
N HIS A 203 -1.46 -23.86 -29.92
CA HIS A 203 -2.04 -23.22 -31.10
C HIS A 203 -2.97 -24.21 -31.79
N TYR A 204 -4.24 -23.85 -31.92
CA TYR A 204 -5.28 -24.74 -32.46
C TYR A 204 -5.40 -24.69 -33.99
N GLU A 205 -5.03 -23.56 -34.59
CA GLU A 205 -5.26 -23.27 -36.03
C GLU A 205 -6.51 -22.40 -36.20
N LEU B 2 -6.30 5.91 0.33
CA LEU B 2 -4.98 6.57 0.63
C LEU B 2 -3.98 6.61 -0.56
N ASP B 3 -4.41 6.18 -1.73
CA ASP B 3 -3.48 6.00 -2.84
C ASP B 3 -2.94 7.34 -3.38
N ALA B 4 -3.71 8.42 -3.24
CA ALA B 4 -3.21 9.75 -3.59
C ALA B 4 -2.00 10.13 -2.73
N VAL B 5 -2.05 9.76 -1.46
CA VAL B 5 -0.93 10.00 -0.54
C VAL B 5 0.26 9.12 -0.92
N ARG B 6 -0.01 7.86 -1.24
CA ARG B 6 1.07 6.97 -1.63
C ARG B 6 1.73 7.40 -2.95
N LYS B 7 0.95 7.94 -3.86
CA LYS B 7 1.47 8.38 -5.16
C LYS B 7 2.45 9.56 -5.05
N ARG B 8 2.17 10.52 -4.17
CA ARG B 8 3.04 11.71 -4.01
C ARG B 8 3.20 12.01 -2.52
N PRO B 9 4.00 11.21 -1.78
CA PRO B 9 4.08 11.41 -0.33
C PRO B 9 4.52 12.80 0.12
N GLY B 10 5.51 13.37 -0.57
CA GLY B 10 6.06 14.69 -0.23
C GLY B 10 5.04 15.81 -0.26
N MET B 11 4.06 15.69 -1.16
CA MET B 11 2.98 16.67 -1.26
C MET B 11 2.11 16.69 -0.01
N TYR B 12 2.08 15.60 0.73
CA TYR B 12 1.28 15.52 1.96
C TYR B 12 2.07 15.66 3.25
N ILE B 13 3.28 15.13 3.33
CA ILE B 13 4.01 15.10 4.60
C ILE B 13 5.23 16.03 4.63
N GLY B 14 5.64 16.52 3.48
CA GLY B 14 6.86 17.30 3.34
C GLY B 14 8.04 16.47 2.91
N ASP B 15 9.23 17.06 3.01
CA ASP B 15 10.42 16.47 2.43
C ASP B 15 10.72 15.13 3.11
N THR B 16 10.79 14.08 2.29
CA THR B 16 10.96 12.71 2.80
C THR B 16 12.42 12.25 2.85
N ASP B 17 13.36 13.15 2.53
CA ASP B 17 14.80 12.84 2.54
C ASP B 17 15.60 13.59 3.61
N ASP B 18 15.16 14.78 4.02
CA ASP B 18 15.98 15.61 4.92
C ASP B 18 15.59 15.56 6.39
N GLY B 19 14.66 14.68 6.76
CA GLY B 19 14.23 14.50 8.14
C GLY B 19 13.03 15.33 8.57
N THR B 20 12.67 16.35 7.79
CA THR B 20 11.58 17.25 8.17
C THR B 20 10.22 16.55 8.08
N GLY B 21 9.96 15.88 6.95
CA GLY B 21 8.76 15.07 6.81
C GLY B 21 8.66 13.98 7.87
N LEU B 22 9.77 13.32 8.17
CA LEU B 22 9.80 12.29 9.22
C LEU B 22 9.30 12.83 10.56
N HIS B 23 9.78 14.00 10.96
CA HIS B 23 9.35 14.61 12.20
C HIS B 23 7.93 15.16 12.14
N HIS B 24 7.48 15.61 10.97
CA HIS B 24 6.09 16.03 10.77
C HIS B 24 5.14 14.89 11.14
N MET B 25 5.55 13.64 10.88
CA MET B 25 4.75 12.47 11.25
C MET B 25 4.40 12.48 12.73
N VAL B 26 5.40 12.74 13.57
CA VAL B 26 5.18 12.77 15.01
C VAL B 26 4.31 13.98 15.38
N PHE B 27 4.60 15.13 14.79
CA PHE B 27 3.86 16.35 15.11
C PHE B 27 2.37 16.21 14.84
N GLU B 28 2.02 15.51 13.76
CA GLU B 28 0.62 15.33 13.42
C GLU B 28 -0.08 14.47 14.47
N VAL B 29 0.58 13.41 14.91
CA VAL B 29 -0.01 12.53 15.92
C VAL B 29 -0.16 13.26 17.26
N VAL B 30 0.87 14.02 17.61
CA VAL B 30 0.84 14.79 18.85
C VAL B 30 -0.28 15.82 18.82
N ASP B 31 -0.46 16.50 17.69
CA ASP B 31 -1.55 17.50 17.58
C ASP B 31 -2.90 16.87 17.93
N ASN B 32 -3.15 15.67 17.42
CA ASN B 32 -4.42 14.99 17.65
C ASN B 32 -4.55 14.54 19.09
N ALA B 33 -3.44 14.09 19.66
CA ALA B 33 -3.41 13.66 21.06
C ALA B 33 -3.62 14.80 22.04
N ILE B 34 -3.06 15.96 21.74
CA ILE B 34 -3.29 17.15 22.58
C ILE B 34 -4.77 17.55 22.51
N ASP B 35 -5.39 17.45 21.34
CA ASP B 35 -6.85 17.69 21.23
C ASP B 35 -7.67 16.73 22.09
N GLU B 36 -7.33 15.45 22.04
CA GLU B 36 -7.94 14.43 22.89
C GLU B 36 -7.71 14.73 24.38
N ALA B 37 -6.50 15.20 24.73
CA ALA B 37 -6.16 15.46 26.13
C ALA B 37 -6.99 16.60 26.72
N LEU B 38 -7.28 17.61 25.91
CA LEU B 38 -7.95 18.85 26.38
C LEU B 38 -9.42 18.63 26.76
N GLY B 40 -10.77 14.79 30.12
CA GLY B 40 -10.47 16.19 29.74
C GLY B 40 -9.91 17.11 30.80
N HIS B 41 -9.84 16.61 32.03
CA HIS B 41 -9.50 17.36 33.22
C HIS B 41 -8.11 16.92 33.66
N CYS B 42 -7.91 15.61 33.84
CA CYS B 42 -6.59 15.02 34.21
C CYS B 42 -5.43 15.34 33.23
N LYS B 43 -5.67 15.11 31.95
CA LYS B 43 -4.84 15.51 30.79
C LYS B 43 -3.35 15.20 30.78
N GLU B 44 -2.99 14.05 30.22
CA GLU B 44 -1.58 13.76 30.01
C GLU B 44 -1.37 13.13 28.65
N ILE B 45 -0.31 13.55 27.98
CA ILE B 45 0.19 12.82 26.82
C ILE B 45 1.61 12.32 27.08
N ILE B 46 1.92 11.16 26.52
CA ILE B 46 3.26 10.58 26.63
C ILE B 46 3.75 10.28 25.23
N VAL B 47 4.89 10.87 24.89
CA VAL B 47 5.56 10.65 23.61
C VAL B 47 6.81 9.84 23.89
N THR B 48 6.90 8.67 23.26
CA THR B 48 8.02 7.74 23.45
C THR B 48 8.72 7.44 22.13
N ILE B 49 10.04 7.66 22.10
CA ILE B 49 10.88 7.17 21.01
C ILE B 49 11.38 5.80 21.44
N HIS B 50 10.96 4.77 20.73
CA HIS B 50 11.38 3.41 21.03
C HIS B 50 12.73 3.12 20.40
N ALA B 51 13.34 2.04 20.88
CA ALA B 51 14.68 1.64 20.43
C ALA B 51 14.71 1.11 19.00
N ASP B 52 13.57 0.62 18.50
CA ASP B 52 13.43 0.27 17.09
C ASP B 52 13.13 1.48 16.16
N ASN B 53 13.27 2.70 16.69
CA ASN B 53 12.97 3.98 16.01
C ASN B 53 11.54 4.14 15.47
N SER B 54 10.61 3.41 16.10
CA SER B 54 9.18 3.78 16.10
C SER B 54 8.93 4.82 17.20
N VAL B 55 7.82 5.54 17.06
CA VAL B 55 7.32 6.49 18.07
C VAL B 55 5.91 6.09 18.51
N SER B 56 5.66 6.16 19.81
CA SER B 56 4.29 6.10 20.32
C SER B 56 3.83 7.39 20.98
N VAL B 57 2.55 7.66 20.79
CA VAL B 57 1.88 8.79 21.44
C VAL B 57 0.66 8.23 22.16
N GLN B 58 0.58 8.45 23.47
CA GLN B 58 -0.58 8.05 24.27
C GLN B 58 -1.23 9.28 24.86
N ASP B 59 -2.55 9.24 25.02
CA ASP B 59 -3.26 10.22 25.86
C ASP B 59 -4.22 9.49 26.75
N ASP B 60 -4.60 10.14 27.86
CA ASP B 60 -5.66 9.64 28.77
C ASP B 60 -7.05 10.30 28.55
N GLY B 61 -7.33 10.68 27.30
CA GLY B 61 -8.62 11.26 26.94
C GLY B 61 -9.74 10.25 26.84
N ARG B 62 -10.77 10.58 26.07
CA ARG B 62 -11.98 9.75 26.02
C ARG B 62 -11.84 8.47 25.21
N GLY B 63 -10.81 8.39 24.38
CA GLY B 63 -10.67 7.32 23.40
C GLY B 63 -11.36 7.68 22.11
N ILE B 64 -10.68 7.46 20.98
CA ILE B 64 -11.27 7.69 19.66
C ILE B 64 -12.55 6.84 19.56
N PRO B 65 -13.63 7.38 18.96
CA PRO B 65 -14.83 6.56 18.80
C PRO B 65 -14.57 5.24 18.05
N THR B 66 -15.28 4.20 18.46
CA THR B 66 -15.05 2.85 17.98
C THR B 66 -16.23 2.20 17.25
N GLY B 67 -17.43 2.77 17.41
CA GLY B 67 -18.62 2.22 16.76
C GLY B 67 -18.54 2.19 15.25
N ILE B 68 -19.27 1.27 14.65
CA ILE B 68 -19.28 1.11 13.20
C ILE B 68 -19.92 2.34 12.57
N HIS B 69 -19.24 2.92 11.59
CA HIS B 69 -19.77 4.04 10.82
C HIS B 69 -20.92 3.51 9.94
N PRO B 70 -22.13 4.10 10.05
CA PRO B 70 -23.29 3.58 9.29
C PRO B 70 -23.08 3.46 7.77
N GLU B 71 -22.44 4.46 7.19
CA GLU B 71 -22.10 4.50 5.75
C GLU B 71 -20.85 3.72 5.32
N GLU B 72 -19.72 3.97 5.98
CA GLU B 72 -18.43 3.36 5.63
C GLU B 72 -18.38 1.88 6.01
N GLY B 73 -19.17 1.48 7.00
CA GLY B 73 -19.30 0.08 7.40
C GLY B 73 -18.13 -0.53 8.15
N VAL B 74 -17.25 0.33 8.67
CA VAL B 74 -16.13 -0.08 9.50
C VAL B 74 -16.13 0.84 10.70
N SER B 75 -15.34 0.49 11.71
CA SER B 75 -15.23 1.32 12.92
C SER B 75 -14.87 2.75 12.58
N ALA B 76 -15.40 3.69 13.35
CA ALA B 76 -15.05 5.10 13.22
C ALA B 76 -13.55 5.32 13.28
N ALA B 77 -12.89 4.60 14.17
CA ALA B 77 -11.43 4.69 14.26
C ALA B 77 -10.77 4.32 12.94
N GLU B 78 -11.25 3.27 12.26
CA GLU B 78 -10.67 2.89 10.96
C GLU B 78 -10.97 3.95 9.88
N VAL B 79 -12.14 4.58 9.96
CA VAL B 79 -12.45 5.69 9.03
C VAL B 79 -11.40 6.79 9.20
N ILE B 80 -11.13 7.17 10.44
CA ILE B 80 -10.15 8.24 10.73
C ILE B 80 -8.77 7.86 10.17
N MET B 81 -8.43 6.59 10.29
CA MET B 81 -7.09 6.12 9.92
CA MET B 81 -7.11 6.05 9.95
C MET B 81 -6.91 5.89 8.43
N THR B 82 -8.00 5.79 7.66
CA THR B 82 -7.91 5.34 6.25
C THR B 82 -8.61 6.23 5.22
N VAL B 83 -9.18 7.34 5.68
CA VAL B 83 -9.92 8.28 4.83
C VAL B 83 -9.22 9.63 4.93
N LEU B 84 -9.00 10.23 3.77
CA LEU B 84 -8.27 11.47 3.66
C LEU B 84 -9.27 12.64 3.68
N GLY B 103 -3.56 20.89 9.60
CA GLY B 103 -3.12 19.53 9.87
C GLY B 103 -3.53 18.57 8.76
N VAL B 104 -2.61 17.67 8.40
CA VAL B 104 -2.84 16.72 7.29
C VAL B 104 -3.63 15.46 7.65
N GLY B 105 -3.80 15.22 8.94
CA GLY B 105 -4.54 14.08 9.43
C GLY B 105 -3.68 12.84 9.63
N VAL B 106 -4.07 12.06 10.63
CA VAL B 106 -3.37 10.82 10.97
C VAL B 106 -3.44 9.77 9.84
N SER B 107 -4.43 9.86 8.95
CA SER B 107 -4.50 8.98 7.79
C SER B 107 -3.26 9.06 6.92
N VAL B 108 -2.68 10.25 6.78
CA VAL B 108 -1.42 10.42 6.08
C VAL B 108 -0.27 9.68 6.80
N VAL B 109 -0.23 9.82 8.11
CA VAL B 109 0.80 9.15 8.90
C VAL B 109 0.66 7.64 8.72
N ASN B 110 -0.58 7.16 8.82
CA ASN B 110 -0.83 5.75 8.63
C ASN B 110 -0.36 5.25 7.26
N ALA B 111 -0.71 5.99 6.22
CA ALA B 111 -0.36 5.63 4.84
C ALA B 111 1.14 5.47 4.67
N LEU B 112 1.91 6.34 5.34
CA LEU B 112 3.37 6.40 5.21
C LEU B 112 4.11 5.66 6.34
N SER B 113 3.39 4.82 7.07
CA SER B 113 3.97 4.00 8.13
C SER B 113 3.96 2.54 7.68
N GLN B 114 5.11 1.87 7.78
CA GLN B 114 5.16 0.45 7.45
C GLN B 114 4.37 -0.42 8.44
N LYS B 115 4.25 0.09 9.67
CA LYS B 115 3.37 -0.51 10.68
C LYS B 115 2.80 0.60 11.57
N LEU B 116 1.53 0.46 11.94
CA LEU B 116 0.90 1.35 12.90
C LEU B 116 0.03 0.51 13.82
N GLU B 117 0.23 0.68 15.11
CA GLU B 117 -0.58 -0.01 16.15
C GLU B 117 -1.50 1.00 16.82
N LEU B 118 -2.78 0.65 16.93
CA LEU B 118 -3.77 1.50 17.55
C LEU B 118 -4.38 0.76 18.72
N VAL B 119 -4.36 1.40 19.88
CA VAL B 119 -5.03 0.86 21.06
C VAL B 119 -5.95 1.92 21.64
N ILE B 120 -7.22 1.58 21.76
CA ILE B 120 -8.22 2.51 22.27
C ILE B 120 -8.90 1.94 23.52
N GLN B 121 -8.88 2.74 24.58
CA GLN B 121 -9.59 2.37 25.81
C GLN B 121 -10.81 3.26 25.99
N ARG B 122 -11.99 2.67 25.93
CA ARG B 122 -13.22 3.40 26.28
C ARG B 122 -14.37 2.46 26.50
N GLU B 123 -15.35 2.95 27.27
CA GLU B 123 -16.55 2.19 27.64
C GLU B 123 -16.20 0.84 28.28
N GLY B 124 -15.11 0.84 29.06
CA GLY B 124 -14.65 -0.35 29.79
C GLY B 124 -13.93 -1.39 28.96
N LYS B 125 -13.60 -1.06 27.71
CA LYS B 125 -13.13 -2.05 26.75
C LYS B 125 -11.83 -1.60 26.10
N ILE B 126 -10.94 -2.57 25.90
CA ILE B 126 -9.69 -2.37 25.15
C ILE B 126 -9.94 -2.77 23.71
N HIS B 127 -9.66 -1.85 22.79
CA HIS B 127 -9.82 -2.08 21.35
C HIS B 127 -8.42 -2.02 20.72
N ARG B 128 -8.11 -3.00 19.86
CA ARG B 128 -6.79 -3.05 19.22
C ARG B 128 -6.89 -3.25 17.72
N GLN B 129 -5.96 -2.63 16.98
CA GLN B 129 -5.86 -2.82 15.55
C GLN B 129 -4.46 -2.56 15.06
N ILE B 130 -4.08 -3.27 14.00
CA ILE B 130 -2.77 -3.11 13.36
C ILE B 130 -2.99 -2.76 11.90
N TYR B 131 -2.19 -1.83 11.40
CA TYR B 131 -2.12 -1.44 10.00
C TYR B 131 -0.72 -1.69 9.51
N GLU B 132 -0.59 -2.00 8.23
CA GLU B 132 0.71 -1.97 7.55
C GLU B 132 0.54 -1.18 6.26
N HIS B 133 1.37 -0.15 6.07
CA HIS B 133 1.24 0.75 4.93
C HIS B 133 -0.18 1.29 4.73
N GLY B 134 -0.85 1.53 5.84
CA GLY B 134 -2.21 2.07 5.85
C GLY B 134 -3.32 1.05 5.66
N VAL B 135 -2.95 -0.21 5.48
CA VAL B 135 -3.92 -1.30 5.26
C VAL B 135 -4.25 -1.97 6.60
N PRO B 136 -5.54 -1.97 7.02
CA PRO B 136 -5.83 -2.68 8.27
C PRO B 136 -5.61 -4.16 8.11
N GLN B 137 -4.98 -4.81 9.09
CA GLN B 137 -4.70 -6.24 9.01
C GLN B 137 -5.87 -7.10 9.49
N ALA B 138 -6.76 -6.48 10.24
CA ALA B 138 -8.04 -7.03 10.68
C ALA B 138 -8.89 -5.87 11.16
N PRO B 139 -10.20 -6.08 11.31
CA PRO B 139 -11.05 -5.04 11.89
C PRO B 139 -10.67 -4.74 13.34
N LEU B 140 -10.95 -3.50 13.77
CA LEU B 140 -10.81 -3.12 15.16
C LEU B 140 -11.53 -4.14 16.05
N ALA B 141 -10.80 -4.64 17.03
CA ALA B 141 -11.28 -5.75 17.86
C ALA B 141 -11.25 -5.38 19.32
N VAL B 142 -12.31 -5.77 20.04
CA VAL B 142 -12.30 -5.69 21.50
C VAL B 142 -11.57 -6.92 22.03
N THR B 143 -10.46 -6.69 22.72
CA THR B 143 -9.60 -7.77 23.21
C THR B 143 -9.61 -7.93 24.73
N GLY B 144 -10.28 -7.03 25.44
CA GLY B 144 -10.25 -7.11 26.90
C GLY B 144 -10.95 -5.97 27.58
N GLU B 145 -10.71 -5.87 28.88
CA GLU B 145 -11.39 -4.90 29.74
C GLU B 145 -10.39 -3.93 30.34
N THR B 146 -10.91 -2.80 30.75
CA THR B 146 -10.11 -1.74 31.30
C THR B 146 -10.98 -0.77 32.06
N GLU B 147 -10.40 -0.12 33.06
CA GLU B 147 -11.09 0.99 33.72
C GLU B 147 -10.48 2.33 33.32
N LYS B 148 -9.42 2.30 32.51
CA LYS B 148 -8.83 3.52 31.99
C LYS B 148 -9.48 3.90 30.66
N THR B 149 -9.20 5.12 30.23
CA THR B 149 -9.63 5.61 28.93
C THR B 149 -8.47 6.26 28.24
N GLY B 150 -8.51 6.26 26.92
CA GLY B 150 -7.50 6.98 26.13
C GLY B 150 -7.20 6.27 24.82
N THR B 151 -6.28 6.89 24.08
CA THR B 151 -5.84 6.43 22.77
C THR B 151 -4.33 6.33 22.78
N MET B 152 -3.82 5.27 22.17
CA MET B 152 -2.38 5.11 21.91
C MET B 152 -2.19 4.77 20.45
N VAL B 153 -1.29 5.49 19.79
CA VAL B 153 -0.84 5.18 18.44
C VAL B 153 0.66 4.98 18.48
N ARG B 154 1.11 3.85 17.93
CA ARG B 154 2.54 3.63 17.74
C ARG B 154 2.80 3.40 16.28
N PHE B 155 3.75 4.15 15.71
CA PHE B 155 4.00 4.00 14.28
C PHE B 155 5.48 3.82 13.96
N TRP B 156 5.69 3.02 12.92
CA TRP B 156 7.00 2.74 12.35
C TRP B 156 7.01 3.40 10.97
N PRO B 157 7.72 4.53 10.81
CA PRO B 157 7.75 5.18 9.49
C PRO B 157 8.25 4.25 8.41
N SER B 158 7.63 4.31 7.24
CA SER B 158 8.05 3.43 6.15
C SER B 158 9.43 3.79 5.63
N LEU B 159 10.34 2.83 5.69
CA LEU B 159 11.69 3.01 5.14
C LEU B 159 11.71 3.00 3.61
N GLU B 160 10.60 2.64 2.97
CA GLU B 160 10.42 2.81 1.54
C GLU B 160 10.14 4.26 1.14
N THR B 161 9.61 5.06 2.07
CA THR B 161 9.32 6.48 1.83
C THR B 161 10.40 7.37 2.41
N PHE B 162 10.72 7.15 3.67
CA PHE B 162 11.65 8.02 4.38
C PHE B 162 13.07 7.52 4.23
N THR B 163 13.87 8.32 3.52
CA THR B 163 15.22 7.98 3.12
C THR B 163 16.18 8.93 3.77
N ASN B 164 17.43 8.49 3.87
CA ASN B 164 18.54 9.33 4.35
C ASN B 164 18.46 9.58 5.86
N VAL B 165 17.54 10.42 6.31
CA VAL B 165 17.29 10.63 7.74
C VAL B 165 16.11 9.74 8.12
N THR B 166 16.39 8.70 8.89
CA THR B 166 15.38 7.70 9.27
C THR B 166 15.22 7.55 10.78
N GLU B 167 15.93 8.35 11.56
CA GLU B 167 15.89 8.27 13.02
C GLU B 167 15.40 9.59 13.58
N PHE B 168 14.64 9.51 14.67
CA PHE B 168 14.12 10.68 15.34
C PHE B 168 15.16 11.32 16.25
N GLU B 169 15.17 12.65 16.23
CA GLU B 169 16.06 13.48 17.02
C GLU B 169 15.27 13.94 18.24
N TYR B 170 15.69 13.48 19.41
CA TYR B 170 15.10 13.87 20.68
C TYR B 170 14.96 15.39 20.83
N GLU B 171 16.03 16.14 20.54
CA GLU B 171 16.02 17.60 20.71
C GLU B 171 14.95 18.32 19.89
N ILE B 172 14.66 17.83 18.69
CA ILE B 172 13.61 18.43 17.85
C ILE B 172 12.26 18.29 18.54
N LEU B 173 11.98 17.10 19.08
CA LEU B 173 10.72 16.86 19.79
C LEU B 173 10.65 17.62 21.11
N ALA B 174 11.75 17.61 21.88
CA ALA B 174 11.77 18.30 23.17
C ALA B 174 11.55 19.79 23.08
N LYS B 175 12.27 20.47 22.18
CA LYS B 175 12.07 21.90 21.94
C LYS B 175 10.63 22.22 21.56
N ARG B 176 10.06 21.43 20.66
CA ARG B 176 8.71 21.71 20.21
C ARG B 176 7.61 21.36 21.24
N LEU B 177 7.75 20.24 21.93
CA LEU B 177 6.82 19.93 23.01
C LEU B 177 6.82 20.97 24.13
N ARG B 178 8.00 21.49 24.44
CA ARG B 178 8.10 22.60 25.40
C ARG B 178 7.29 23.80 24.93
N GLU B 179 7.46 24.19 23.66
CA GLU B 179 6.68 25.34 23.13
C GLU B 179 5.17 25.03 23.23
N LEU B 180 4.76 23.82 22.85
CA LEU B 180 3.36 23.39 22.93
C LEU B 180 2.76 23.41 24.34
N SER B 181 3.56 23.08 25.33
CA SER B 181 3.07 23.05 26.70
C SER B 181 2.51 24.41 27.11
N PHE B 182 3.15 25.50 26.68
CA PHE B 182 2.67 26.83 27.08
C PHE B 182 1.37 27.28 26.39
N LEU B 183 1.02 26.67 25.25
CA LEU B 183 -0.27 26.90 24.60
C LEU B 183 -1.37 25.96 25.05
N ASN B 184 -1.01 24.93 25.81
CA ASN B 184 -1.97 23.93 26.25
C ASN B 184 -1.95 23.78 27.77
N SER B 185 -2.55 24.77 28.42
CA SER B 185 -2.53 24.89 29.88
C SER B 185 -3.22 23.71 30.53
N GLY B 186 -2.52 23.08 31.47
CA GLY B 186 -3.06 22.00 32.27
C GLY B 186 -2.76 20.61 31.71
N VAL B 187 -2.20 20.56 30.52
CA VAL B 187 -1.85 19.29 29.89
C VAL B 187 -0.42 18.92 30.26
N SER B 188 -0.27 17.73 30.82
CA SER B 188 1.05 17.21 31.13
C SER B 188 1.58 16.54 29.87
N ILE B 189 2.82 16.86 29.49
CA ILE B 189 3.44 16.28 28.30
C ILE B 189 4.74 15.61 28.75
N ARG B 190 4.81 14.30 28.60
CA ARG B 190 6.02 13.54 28.93
C ARG B 190 6.70 13.07 27.64
N LEU B 191 8.03 13.21 27.60
CA LEU B 191 8.85 12.73 26.49
C LEU B 191 9.85 11.73 27.03
N ARG B 192 9.95 10.57 26.37
CA ARG B 192 10.81 9.48 26.81
C ARG B 192 11.59 8.97 25.63
N ASP B 193 12.88 8.81 25.80
CA ASP B 193 13.72 8.17 24.79
C ASP B 193 14.23 6.86 25.37
N LYS B 194 13.70 5.75 24.87
CA LYS B 194 14.14 4.43 25.30
C LYS B 194 15.51 4.02 24.75
N ARG B 195 16.07 4.78 23.80
CA ARG B 195 17.40 4.46 23.27
C ARG B 195 18.51 4.77 24.27
N ASP B 196 18.37 5.88 24.99
CA ASP B 196 19.35 6.28 26.01
C ASP B 196 18.81 6.58 27.42
N GLY B 197 17.50 6.46 27.62
CA GLY B 197 16.88 6.77 28.91
C GLY B 197 16.56 8.25 29.19
N LYS B 198 16.81 9.13 28.22
CA LYS B 198 16.50 10.56 28.37
C LYS B 198 15.00 10.75 28.56
N GLU B 199 14.61 11.58 29.53
CA GLU B 199 13.20 11.89 29.81
C GLU B 199 13.03 13.39 30.14
N ASP B 200 11.92 13.96 29.68
CA ASP B 200 11.52 15.32 30.04
C ASP B 200 10.03 15.34 30.37
N HIS B 201 9.65 16.36 31.14
CA HIS B 201 8.28 16.56 31.51
C HIS B 201 7.98 18.06 31.39
N PHE B 202 6.99 18.38 30.56
CA PHE B 202 6.55 19.75 30.32
C PHE B 202 5.11 19.84 30.81
N HIS B 203 4.85 20.77 31.72
N HIS B 203 4.85 20.78 31.71
CA HIS B 203 3.52 20.92 32.31
CA HIS B 203 3.53 20.93 32.31
C HIS B 203 3.35 22.36 32.77
C HIS B 203 3.38 22.37 32.75
N TYR B 204 2.62 23.13 31.98
CA TYR B 204 2.38 24.53 32.25
C TYR B 204 0.97 24.72 32.80
N GLU B 205 0.88 25.42 33.92
CA GLU B 205 -0.40 25.88 34.48
C GLU B 205 -0.55 27.37 34.16
N GLY B 206 -1.52 27.70 33.31
CA GLY B 206 -1.84 29.08 32.98
C GLY B 206 -3.33 29.30 32.75
#